data_7CYR
#
_entry.id   7CYR
#
_cell.length_a   53.574
_cell.length_b   61.236
_cell.length_c   117.250
_cell.angle_alpha   90.000
_cell.angle_beta   90.000
_cell.angle_gamma   90.000
#
_symmetry.space_group_name_H-M   'P 21 21 21'
#
loop_
_entity.id
_entity.type
_entity.pdbx_description
1 polymer 'ABC1 family protein'
2 non-polymer 'ACETATE ION'
3 water water
#
_entity_poly.entity_id   1
_entity_poly.type   'polypeptide(L)'
_entity_poly.pdbx_seq_one_letter_code
;MSDIKRGSVARNAKLAGLAGGMAGRAALGFGKRLTGKSKDEVTAELMDKAAQQLFTVLGELKGGAMKVGQALSVMEAAIP
EQYGKPYREALTKLQKDAPPLPAAKVHRVLDAQLGTKWRDRFSSFDDKPVASASIGQVHKGIWSDGREVAVKIQYPGADE
ALRADLKTIQRLVGVFKQLAPGADIQGVVDELTERTEMELDYRLEADNQRAFAKAYRNDPHFAVPAIIASAPKVVISEWM
EGIPMSVIIREGTPEQRDLMGTRLTELTFGAPARLEMMHGDAHPGNFMLLPDGRMGVIDFGAVAPLPGGFPTSLGETIRL
ARDKNYDELLPTMERAGFLQKGQEVSIEEVEDMLRQYVDPIKVDVFHYNRKWLQKMAASQMDNSVAQIKMARSLDLPANL
AIPLRVIASTVAICCQLDAHVPVKVIATELVPGFAEEAA
;
_entity_poly.pdbx_strand_id   A
#
# COMPACT_ATOMS: atom_id res chain seq x y z
N THR A 43 -25.57 -13.87 4.09
CA THR A 43 -26.12 -13.99 5.44
C THR A 43 -25.01 -14.05 6.50
N ALA A 44 -25.43 -14.02 7.75
CA ALA A 44 -24.49 -14.05 8.87
C ALA A 44 -23.79 -15.41 8.98
N GLU A 45 -24.48 -16.47 8.59
CA GLU A 45 -23.90 -17.81 8.66
C GLU A 45 -22.80 -18.02 7.62
N LEU A 46 -23.05 -17.56 6.39
CA LEU A 46 -22.03 -17.64 5.35
C LEU A 46 -20.81 -16.80 5.74
N MET A 47 -21.07 -15.66 6.36
CA MET A 47 -20.01 -14.79 6.88
C MET A 47 -19.17 -15.54 7.91
N ASP A 48 -19.84 -16.23 8.84
CA ASP A 48 -19.14 -17.02 9.84
C ASP A 48 -18.29 -18.12 9.20
N LYS A 49 -18.87 -18.79 8.21
CA LYS A 49 -18.17 -19.82 7.44
C LYS A 49 -16.86 -19.30 6.85
N ALA A 50 -16.97 -18.18 6.13
CA ALA A 50 -15.80 -17.60 5.47
C ALA A 50 -14.74 -17.13 6.50
N ALA A 51 -15.19 -16.58 7.62
CA ALA A 51 -14.27 -16.19 8.68
C ALA A 51 -13.49 -17.40 9.21
N GLN A 52 -14.24 -18.47 9.46
CA GLN A 52 -13.64 -19.74 9.91
C GLN A 52 -12.57 -20.22 8.93
N GLN A 53 -12.91 -20.24 7.64
CA GLN A 53 -11.96 -20.68 6.63
C GLN A 53 -10.70 -19.82 6.60
N LEU A 54 -10.89 -18.49 6.64
CA LEU A 54 -9.77 -17.55 6.68
C LEU A 54 -8.82 -17.85 7.83
N PHE A 55 -9.37 -17.95 9.03
CA PHE A 55 -8.54 -18.15 10.22
C PHE A 55 -7.93 -19.55 10.28
N THR A 56 -8.60 -20.50 9.62
CA THR A 56 -8.06 -21.85 9.50
C THR A 56 -6.79 -21.79 8.66
N VAL A 57 -6.90 -21.22 7.47
CA VAL A 57 -5.74 -21.09 6.59
C VAL A 57 -4.59 -20.33 7.25
N LEU A 58 -4.89 -19.14 7.79
CA LEU A 58 -3.87 -18.35 8.47
C LEU A 58 -3.22 -19.09 9.65
N GLY A 59 -4.04 -19.77 10.44
CA GLY A 59 -3.57 -20.47 11.63
C GLY A 59 -2.74 -21.69 11.31
N GLU A 60 -3.01 -22.33 10.18
CA GLU A 60 -2.29 -23.54 9.79
C GLU A 60 -0.88 -23.21 9.30
N LEU A 61 -0.70 -21.98 8.84
CA LEU A 61 0.62 -21.53 8.40
C LEU A 61 1.54 -21.38 9.60
N LYS A 62 2.47 -22.32 9.74
CA LYS A 62 3.52 -22.19 10.74
C LYS A 62 4.84 -22.04 10.02
N GLY A 63 5.77 -21.32 10.63
CA GLY A 63 6.98 -20.92 9.95
C GLY A 63 6.78 -19.58 9.28
N GLY A 64 7.02 -19.52 7.98
CA GLY A 64 7.03 -18.25 7.26
C GLY A 64 5.82 -17.92 6.42
N ALA A 65 5.25 -16.75 6.68
CA ALA A 65 4.16 -16.20 5.89
C ALA A 65 4.18 -14.68 6.04
N MET A 66 5.38 -14.13 6.22
CA MET A 66 5.59 -12.72 6.45
C MET A 66 4.94 -11.85 5.38
N LYS A 67 5.18 -12.23 4.12
CA LYS A 67 4.66 -11.50 2.98
C LYS A 67 3.14 -11.49 2.92
N VAL A 68 2.54 -12.64 3.20
CA VAL A 68 1.09 -12.74 3.33
C VAL A 68 0.58 -11.77 4.39
N GLY A 69 1.18 -11.85 5.57
CA GLY A 69 0.81 -11.03 6.71
C GLY A 69 0.85 -9.54 6.42
N GLN A 70 1.83 -9.10 5.65
CA GLN A 70 1.90 -7.70 5.20
C GLN A 70 0.88 -7.40 4.16
N ALA A 71 0.87 -8.21 3.11
CA ALA A 71 -0.04 -8.00 2.00
C ALA A 71 -1.51 -7.93 2.36
N LEU A 72 -1.90 -8.61 3.43
CA LEU A 72 -3.27 -8.72 3.89
C LEU A 72 -3.73 -7.58 4.83
N SER A 73 -2.82 -6.66 5.11
CA SER A 73 -3.10 -5.54 6.00
C SER A 73 -4.19 -4.61 5.45
N VAL A 74 -4.18 -4.40 4.13
CA VAL A 74 -5.14 -3.50 3.49
C VAL A 74 -6.58 -3.98 3.66
N MET A 75 -6.75 -5.27 3.95
CA MET A 75 -8.06 -5.87 4.06
C MET A 75 -8.61 -5.73 5.47
N GLU A 76 -7.74 -5.36 6.40
CA GLU A 76 -8.09 -5.44 7.82
C GLU A 76 -9.22 -4.49 8.21
N ALA A 77 -9.19 -3.27 7.71
CA ALA A 77 -10.22 -2.30 8.05
C ALA A 77 -11.45 -2.44 7.16
N ALA A 78 -11.45 -3.44 6.29
CA ALA A 78 -12.56 -3.66 5.37
C ALA A 78 -13.49 -4.79 5.81
N ILE A 79 -12.94 -5.81 6.47
CA ILE A 79 -13.77 -6.94 6.89
C ILE A 79 -14.60 -6.54 8.11
N PRO A 80 -15.75 -7.21 8.32
CA PRO A 80 -16.63 -6.89 9.45
C PRO A 80 -15.91 -6.77 10.79
N GLU A 81 -16.30 -5.78 11.57
CA GLU A 81 -15.62 -5.43 12.81
C GLU A 81 -15.49 -6.59 13.79
N GLN A 82 -16.47 -7.49 13.81
CA GLN A 82 -16.42 -8.62 14.75
C GLN A 82 -15.25 -9.56 14.49
N TYR A 83 -14.60 -9.40 13.35
CA TYR A 83 -13.45 -10.23 13.00
C TYR A 83 -12.16 -9.43 13.06
N GLY A 84 -12.26 -8.13 13.33
CA GLY A 84 -11.10 -7.25 13.34
C GLY A 84 -9.99 -7.68 14.28
N LYS A 85 -10.34 -8.00 15.52
CA LYS A 85 -9.34 -8.33 16.53
C LYS A 85 -8.61 -9.64 16.21
N PRO A 86 -9.34 -10.76 16.00
CA PRO A 86 -8.57 -11.97 15.68
C PRO A 86 -7.76 -11.82 14.39
N TYR A 87 -8.33 -11.15 13.39
CA TYR A 87 -7.63 -10.94 12.12
C TYR A 87 -6.28 -10.29 12.34
N ARG A 88 -6.29 -9.10 12.95
CA ARG A 88 -5.05 -8.40 13.32
C ARG A 88 -4.09 -9.37 14.00
N GLU A 89 -4.62 -10.11 14.97
CA GLU A 89 -3.79 -11.00 15.76
C GLU A 89 -3.15 -12.04 14.85
N ALA A 90 -3.98 -12.65 13.99
CA ALA A 90 -3.49 -13.64 13.06
C ALA A 90 -2.34 -13.04 12.27
N LEU A 91 -2.56 -11.84 11.72
CA LEU A 91 -1.54 -11.23 10.87
C LEU A 91 -0.26 -11.06 11.67
N THR A 92 -0.43 -10.55 12.89
CA THR A 92 0.72 -10.28 13.74
C THR A 92 1.52 -11.56 13.91
N LYS A 93 0.79 -12.65 14.18
CA LYS A 93 1.46 -13.92 14.48
C LYS A 93 2.24 -14.40 13.27
N LEU A 94 1.68 -14.17 12.07
CA LEU A 94 2.33 -14.61 10.85
C LEU A 94 3.72 -13.97 10.73
N GLN A 95 3.85 -12.76 11.25
CA GLN A 95 5.11 -12.05 11.16
C GLN A 95 5.97 -12.34 12.40
N LYS A 96 5.34 -12.76 13.49
CA LYS A 96 6.09 -13.10 14.70
C LYS A 96 6.74 -14.46 14.56
N ASP A 97 6.00 -15.42 14.00
CA ASP A 97 6.48 -16.79 13.86
C ASP A 97 7.48 -16.94 12.73
N ALA A 98 7.67 -15.87 11.95
CA ALA A 98 8.69 -15.87 10.92
C ALA A 98 10.06 -15.73 11.57
N PRO A 99 10.90 -16.77 11.45
CA PRO A 99 12.21 -16.80 12.10
C PRO A 99 13.17 -15.76 11.53
N PRO A 100 13.81 -14.99 12.40
CA PRO A 100 14.80 -14.00 11.95
C PRO A 100 16.04 -14.68 11.37
N LEU A 101 16.76 -13.99 10.51
CA LEU A 101 18.05 -14.47 10.02
C LEU A 101 19.05 -14.39 11.15
N PRO A 102 19.70 -15.51 11.48
CA PRO A 102 20.78 -15.47 12.48
C PRO A 102 21.88 -14.52 12.02
N ALA A 103 22.63 -13.94 12.96
CA ALA A 103 23.67 -12.97 12.61
C ALA A 103 24.73 -13.57 11.70
N ALA A 104 25.07 -14.84 11.93
CA ALA A 104 26.07 -15.51 11.10
C ALA A 104 25.63 -15.60 9.63
N LYS A 105 24.34 -15.87 9.43
CA LYS A 105 23.77 -15.94 8.09
C LYS A 105 23.76 -14.56 7.42
N VAL A 106 23.38 -13.55 8.20
CA VAL A 106 23.42 -12.16 7.73
C VAL A 106 24.82 -11.81 7.26
N HIS A 107 25.80 -12.19 8.06
CA HIS A 107 27.21 -11.94 7.74
C HIS A 107 27.58 -12.61 6.43
N ARG A 108 27.10 -13.83 6.22
CA ARG A 108 27.40 -14.50 4.95
C ARG A 108 26.75 -13.80 3.75
N VAL A 109 25.54 -13.29 3.91
CA VAL A 109 24.91 -12.56 2.82
C VAL A 109 25.71 -11.30 2.51
N LEU A 110 26.11 -10.59 3.56
CA LEU A 110 26.88 -9.36 3.38
C LEU A 110 28.22 -9.66 2.71
N ASP A 111 28.82 -10.79 3.05
CA ASP A 111 30.06 -11.23 2.42
C ASP A 111 29.85 -11.46 0.91
N ALA A 112 28.80 -12.19 0.56
CA ALA A 112 28.53 -12.51 -0.83
C ALA A 112 28.18 -11.27 -1.65
N GLN A 113 27.46 -10.33 -1.04
CA GLN A 113 26.92 -9.19 -1.76
C GLN A 113 27.86 -7.99 -1.83
N LEU A 114 28.55 -7.72 -0.74
CA LEU A 114 29.38 -6.53 -0.60
C LEU A 114 30.86 -6.85 -0.67
N GLY A 115 31.20 -8.12 -0.50
CA GLY A 115 32.58 -8.57 -0.56
C GLY A 115 33.12 -9.04 0.77
N THR A 116 34.24 -9.75 0.71
CA THR A 116 34.86 -10.35 1.88
C THR A 116 35.12 -9.31 2.99
N LYS A 117 35.57 -8.13 2.59
CA LYS A 117 35.93 -7.10 3.55
C LYS A 117 34.79 -6.14 3.87
N TRP A 118 33.56 -6.63 3.85
CA TRP A 118 32.40 -5.75 4.05
C TRP A 118 32.47 -4.99 5.39
N ARG A 119 33.06 -5.60 6.41
CA ARG A 119 33.13 -4.95 7.72
C ARG A 119 33.92 -3.65 7.66
N ASP A 120 34.87 -3.57 6.73
CA ASP A 120 35.68 -2.36 6.56
C ASP A 120 34.82 -1.16 6.22
N ARG A 121 33.62 -1.39 5.68
CA ARG A 121 32.71 -0.29 5.35
C ARG A 121 32.07 0.34 6.59
N PHE A 122 32.11 -0.37 7.71
CA PHE A 122 31.46 0.06 8.93
C PHE A 122 32.39 0.44 10.07
N SER A 123 32.08 1.50 10.78
CA SER A 123 32.59 1.67 12.09
C SER A 123 32.04 0.61 13.04
N SER A 124 30.78 0.31 12.94
CA SER A 124 30.19 -0.77 13.71
C SER A 124 28.92 -1.29 13.05
N PHE A 125 28.55 -2.52 13.38
CA PHE A 125 27.36 -3.15 12.84
C PHE A 125 26.64 -3.91 13.96
N ASP A 126 25.36 -3.63 14.15
CA ASP A 126 24.59 -4.25 15.22
C ASP A 126 23.97 -5.56 14.74
N ASP A 127 24.40 -6.68 15.32
CA ASP A 127 23.96 -8.00 14.90
C ASP A 127 22.48 -8.29 15.22
N LYS A 128 21.89 -7.49 16.10
CA LYS A 128 20.51 -7.72 16.49
C LYS A 128 19.54 -6.88 15.64
N PRO A 129 18.71 -7.54 14.82
CA PRO A 129 17.82 -6.88 13.86
C PRO A 129 16.86 -5.93 14.57
N VAL A 130 16.54 -4.81 13.93
CA VAL A 130 15.67 -3.82 14.55
C VAL A 130 14.25 -3.92 13.99
N ALA A 131 14.12 -4.50 12.80
CA ALA A 131 12.80 -4.70 12.20
C ALA A 131 12.83 -5.56 10.95
N SER A 132 11.65 -5.73 10.37
CA SER A 132 11.44 -6.50 9.15
C SER A 132 10.68 -5.64 8.14
N ALA A 133 11.21 -5.53 6.93
CA ALA A 133 10.58 -4.76 5.87
C ALA A 133 10.45 -5.61 4.62
N SER A 134 9.23 -6.06 4.34
CA SER A 134 8.93 -6.87 3.16
C SER A 134 9.77 -8.15 3.15
N ILE A 135 10.58 -8.31 2.11
CA ILE A 135 11.43 -9.49 1.97
C ILE A 135 12.80 -9.29 2.62
N GLY A 136 12.89 -8.35 3.55
CA GLY A 136 14.18 -8.03 4.16
C GLY A 136 14.23 -7.85 5.66
N GLN A 137 15.38 -8.15 6.24
CA GLN A 137 15.67 -7.94 7.65
C GLN A 137 16.54 -6.70 7.80
N VAL A 138 16.16 -5.81 8.71
CA VAL A 138 16.88 -4.54 8.86
C VAL A 138 17.75 -4.48 10.11
N HIS A 139 19.01 -4.12 9.93
CA HIS A 139 19.96 -3.89 11.02
C HIS A 139 20.38 -2.44 11.06
N LYS A 140 20.77 -1.96 12.24
CA LYS A 140 21.37 -0.64 12.31
C LYS A 140 22.88 -0.78 12.35
N GLY A 141 23.58 0.19 11.79
CA GLY A 141 25.02 0.19 11.84
C GLY A 141 25.55 1.61 11.89
N ILE A 142 26.86 1.75 12.01
CA ILE A 142 27.47 3.06 11.89
C ILE A 142 28.46 2.96 10.75
N TRP A 143 28.29 3.80 9.73
CA TRP A 143 29.17 3.80 8.56
C TRP A 143 30.57 4.23 9.00
N SER A 144 31.58 3.91 8.20
CA SER A 144 32.95 4.27 8.56
C SER A 144 33.14 5.79 8.69
N ASP A 145 32.29 6.57 8.02
CA ASP A 145 32.38 8.03 8.09
C ASP A 145 31.57 8.60 9.26
N GLY A 146 30.90 7.73 10.00
CA GLY A 146 30.20 8.14 11.20
C GLY A 146 28.69 8.14 11.11
N ARG A 147 28.16 8.12 9.89
CA ARG A 147 26.71 8.18 9.70
C ARG A 147 26.01 6.93 10.24
N GLU A 148 24.90 7.13 10.94
CA GLU A 148 24.06 6.02 11.34
C GLU A 148 23.37 5.50 10.09
N VAL A 149 23.36 4.18 9.91
CA VAL A 149 22.78 3.59 8.72
C VAL A 149 21.79 2.48 9.03
N ALA A 150 20.86 2.28 8.09
CA ALA A 150 20.01 1.12 8.03
C ALA A 150 20.54 0.19 6.93
N VAL A 151 20.72 -1.06 7.30
CA VAL A 151 21.15 -2.11 6.37
C VAL A 151 20.04 -3.13 6.20
N LYS A 152 19.52 -3.24 4.99
CA LYS A 152 18.44 -4.18 4.73
C LYS A 152 18.99 -5.37 3.93
N ILE A 153 18.81 -6.55 4.51
CA ILE A 153 19.32 -7.80 3.95
C ILE A 153 18.16 -8.68 3.53
N GLN A 154 18.13 -9.06 2.26
CA GLN A 154 17.06 -9.90 1.74
C GLN A 154 17.09 -11.31 2.34
N TYR A 155 15.90 -11.84 2.67
CA TYR A 155 15.81 -13.22 3.14
C TYR A 155 16.10 -14.19 1.99
N PRO A 156 16.97 -15.14 2.26
CA PRO A 156 17.42 -16.05 1.24
C PRO A 156 16.37 -16.75 0.41
N GLY A 157 15.41 -17.42 0.99
CA GLY A 157 14.49 -18.17 0.16
C GLY A 157 13.39 -17.38 -0.50
N ALA A 158 13.60 -16.09 -0.71
CA ALA A 158 12.48 -15.17 -0.91
C ALA A 158 11.58 -15.39 -2.14
N ASP A 159 12.17 -15.68 -3.28
CA ASP A 159 11.41 -15.97 -4.50
C ASP A 159 10.38 -17.07 -4.27
N GLU A 160 10.85 -18.23 -3.83
CA GLU A 160 10.00 -19.38 -3.55
C GLU A 160 8.95 -19.05 -2.48
N ALA A 161 9.39 -18.30 -1.47
CA ALA A 161 8.51 -17.81 -0.43
C ALA A 161 7.34 -17.03 -1.04
N LEU A 162 7.67 -16.04 -1.87
CA LEU A 162 6.67 -15.24 -2.57
C LEU A 162 5.72 -16.11 -3.40
N ARG A 163 6.24 -17.17 -4.00
CA ARG A 163 5.38 -18.09 -4.75
C ARG A 163 4.33 -18.76 -3.85
N ALA A 164 4.82 -19.46 -2.83
CA ALA A 164 3.94 -20.18 -1.91
C ALA A 164 2.90 -19.25 -1.28
N ASP A 165 3.34 -18.05 -0.94
CA ASP A 165 2.46 -17.06 -0.36
C ASP A 165 1.43 -16.55 -1.38
N LEU A 166 1.85 -16.44 -2.64
CA LEU A 166 0.91 -16.06 -3.69
C LEU A 166 -0.23 -17.06 -3.79
N LYS A 167 0.09 -18.35 -3.89
CA LYS A 167 -1.00 -19.33 -3.99
C LYS A 167 -1.83 -19.35 -2.70
N THR A 168 -1.16 -19.12 -1.56
CA THR A 168 -1.87 -18.93 -0.29
C THR A 168 -3.00 -17.91 -0.43
N ILE A 169 -2.65 -16.70 -0.85
CA ILE A 169 -3.65 -15.62 -1.03
C ILE A 169 -4.72 -15.98 -2.06
N GLN A 170 -4.24 -16.56 -3.16
CA GLN A 170 -5.11 -17.02 -4.24
C GLN A 170 -6.28 -17.82 -3.70
N ARG A 171 -5.98 -18.80 -2.85
CA ARG A 171 -7.05 -19.62 -2.30
C ARG A 171 -7.99 -18.80 -1.42
N LEU A 172 -7.52 -17.66 -0.91
CA LEU A 172 -8.30 -16.85 0.01
C LEU A 172 -9.18 -15.82 -0.69
N VAL A 173 -9.09 -15.71 -1.99
CA VAL A 173 -9.90 -14.80 -2.74
C VAL A 173 -11.42 -15.03 -2.58
N GLY A 174 -11.82 -16.27 -2.47
CA GLY A 174 -13.21 -16.61 -2.28
C GLY A 174 -13.71 -16.17 -0.93
N VAL A 175 -12.93 -16.48 0.07
CA VAL A 175 -13.14 -16.03 1.42
C VAL A 175 -13.31 -14.51 1.53
N PHE A 176 -12.37 -13.78 0.97
CA PHE A 176 -12.42 -12.35 1.03
C PHE A 176 -13.59 -11.77 0.27
N LYS A 177 -13.92 -12.40 -0.83
CA LYS A 177 -15.05 -11.93 -1.63
C LYS A 177 -16.35 -12.16 -0.87
N GLN A 178 -16.36 -13.14 0.03
CA GLN A 178 -17.49 -13.29 0.92
C GLN A 178 -17.44 -12.28 2.09
N LEU A 179 -16.27 -12.10 2.68
CA LEU A 179 -16.12 -11.22 3.85
C LEU A 179 -16.24 -9.74 3.50
N ALA A 180 -15.73 -9.35 2.34
CA ALA A 180 -15.72 -7.96 1.94
C ALA A 180 -15.84 -7.79 0.42
N PRO A 181 -17.02 -8.13 -0.13
CA PRO A 181 -17.24 -8.13 -1.59
C PRO A 181 -16.95 -6.79 -2.25
N GLY A 182 -17.13 -5.70 -1.51
CA GLY A 182 -16.87 -4.38 -2.04
C GLY A 182 -15.39 -4.03 -2.09
N ALA A 183 -14.58 -4.82 -1.41
CA ALA A 183 -13.12 -4.62 -1.44
C ALA A 183 -12.50 -5.38 -2.61
N ASP A 184 -11.25 -5.06 -2.94
CA ASP A 184 -10.61 -5.66 -4.11
C ASP A 184 -9.44 -6.55 -3.74
N ILE A 185 -9.75 -7.77 -3.31
CA ILE A 185 -8.74 -8.77 -2.96
C ILE A 185 -7.96 -9.21 -4.19
N GLN A 186 -8.64 -9.15 -5.33
CA GLN A 186 -8.05 -9.52 -6.61
C GLN A 186 -6.83 -8.65 -6.91
N GLY A 187 -6.87 -7.41 -6.45
CA GLY A 187 -5.76 -6.49 -6.61
C GLY A 187 -4.56 -6.86 -5.76
N VAL A 188 -4.82 -7.39 -4.57
CA VAL A 188 -3.76 -7.93 -3.71
C VAL A 188 -3.07 -9.07 -4.44
N VAL A 189 -3.88 -10.00 -4.95
CA VAL A 189 -3.33 -11.10 -5.74
C VAL A 189 -2.53 -10.58 -6.93
N ASP A 190 -3.04 -9.54 -7.58
CA ASP A 190 -2.39 -8.94 -8.74
C ASP A 190 -1.01 -8.41 -8.40
N GLU A 191 -0.91 -7.64 -7.31
CA GLU A 191 0.37 -7.12 -6.87
C GLU A 191 1.36 -8.25 -6.58
N LEU A 192 0.93 -9.21 -5.75
CA LEU A 192 1.79 -10.34 -5.42
C LEU A 192 2.28 -11.08 -6.67
N THR A 193 1.39 -11.25 -7.64
CA THR A 193 1.72 -11.90 -8.90
C THR A 193 2.74 -11.08 -9.67
N GLU A 194 2.58 -9.76 -9.64
CA GLU A 194 3.49 -8.86 -10.35
C GLU A 194 4.86 -8.82 -9.69
N ARG A 195 4.95 -9.28 -8.44
CA ARG A 195 6.25 -9.34 -7.79
C ARG A 195 6.90 -10.72 -7.87
N THR A 196 6.10 -11.78 -7.96
CA THR A 196 6.64 -13.08 -8.30
C THR A 196 7.20 -13.01 -9.72
N GLU A 197 6.79 -11.98 -10.44
CA GLU A 197 7.00 -11.85 -11.87
C GLU A 197 8.45 -11.55 -12.27
N MET A 198 9.09 -10.55 -11.65
CA MET A 198 10.53 -10.35 -11.89
C MET A 198 11.41 -10.67 -10.69
N GLU A 199 12.72 -10.53 -10.89
CA GLU A 199 13.73 -10.80 -9.87
C GLU A 199 13.71 -9.78 -8.74
N LEU A 200 14.05 -10.25 -7.54
CA LEU A 200 14.09 -9.38 -6.37
C LEU A 200 15.44 -8.68 -6.23
N ASP A 201 15.70 -7.73 -7.12
CA ASP A 201 16.98 -7.03 -7.16
C ASP A 201 16.86 -5.70 -6.42
N TYR A 202 17.41 -5.65 -5.20
CA TYR A 202 17.36 -4.45 -4.37
C TYR A 202 17.96 -3.21 -5.02
N ARG A 203 18.79 -3.39 -6.04
CA ARG A 203 19.35 -2.23 -6.75
C ARG A 203 18.27 -1.41 -7.45
N LEU A 204 17.21 -2.06 -7.92
CA LEU A 204 16.10 -1.36 -8.53
C LEU A 204 15.38 -0.52 -7.48
N GLU A 205 15.13 -1.15 -6.34
CA GLU A 205 14.53 -0.49 -5.19
C GLU A 205 15.35 0.74 -4.78
N ALA A 206 16.67 0.59 -4.78
CA ALA A 206 17.58 1.67 -4.39
C ALA A 206 17.55 2.80 -5.41
N ASP A 207 17.51 2.45 -6.69
CA ASP A 207 17.40 3.45 -7.74
C ASP A 207 16.08 4.24 -7.61
N ASN A 208 14.98 3.53 -7.34
CA ASN A 208 13.70 4.20 -7.13
C ASN A 208 13.71 5.09 -5.90
N GLN A 209 14.36 4.62 -4.84
CA GLN A 209 14.52 5.42 -3.62
C GLN A 209 15.29 6.70 -3.93
N ARG A 210 16.35 6.59 -4.72
CA ARG A 210 17.09 7.78 -5.13
C ARG A 210 16.21 8.71 -5.96
N ALA A 211 15.36 8.15 -6.81
CA ALA A 211 14.48 8.98 -7.64
C ALA A 211 13.54 9.80 -6.76
N PHE A 212 12.98 9.15 -5.73
CA PHE A 212 12.13 9.88 -4.80
C PHE A 212 12.91 10.90 -3.99
N ALA A 213 14.11 10.53 -3.57
CA ALA A 213 14.94 11.41 -2.76
C ALA A 213 15.27 12.69 -3.53
N LYS A 214 15.47 12.53 -4.83
CA LYS A 214 15.73 13.67 -5.71
C LYS A 214 14.48 14.52 -5.88
N ALA A 215 13.35 13.87 -6.18
CA ALA A 215 12.10 14.60 -6.40
C ALA A 215 11.62 15.33 -5.14
N TYR A 216 11.90 14.77 -3.98
CA TYR A 216 11.43 15.35 -2.71
C TYR A 216 12.56 15.95 -1.87
N ARG A 217 13.63 16.36 -2.53
CA ARG A 217 14.76 17.00 -1.83
C ARG A 217 14.32 18.28 -1.13
N ASN A 218 14.72 18.43 0.13
CA ASN A 218 14.33 19.57 0.97
C ASN A 218 12.83 19.83 0.98
N ASP A 219 12.04 18.77 0.85
CA ASP A 219 10.59 18.95 0.82
C ASP A 219 10.06 19.24 2.22
N PRO A 220 9.07 20.14 2.34
CA PRO A 220 8.58 20.48 3.67
C PRO A 220 7.68 19.39 4.30
N HIS A 221 7.24 18.42 3.50
CA HIS A 221 6.30 17.43 4.01
C HIS A 221 6.85 16.00 4.01
N PHE A 222 7.85 15.73 3.19
CA PHE A 222 8.34 14.36 3.05
C PHE A 222 9.84 14.26 3.21
N ALA A 223 10.28 13.15 3.79
CA ALA A 223 11.71 12.89 3.91
C ALA A 223 12.04 11.48 3.44
N VAL A 224 13.04 11.38 2.57
CA VAL A 224 13.49 10.09 2.05
C VAL A 224 14.94 9.87 2.45
N PRO A 225 15.24 8.72 3.08
CA PRO A 225 16.61 8.42 3.50
C PRO A 225 17.54 8.35 2.29
N ALA A 226 18.71 8.96 2.39
CA ALA A 226 19.66 8.90 1.29
C ALA A 226 20.18 7.49 1.12
N ILE A 227 20.26 7.03 -0.12
CA ILE A 227 20.87 5.75 -0.43
C ILE A 227 22.39 5.86 -0.30
N ILE A 228 23.00 4.86 0.31
CA ILE A 228 24.45 4.87 0.50
C ILE A 228 25.09 3.76 -0.34
N ALA A 229 24.50 2.58 -0.33
CA ALA A 229 25.04 1.49 -1.14
C ALA A 229 23.97 0.49 -1.51
N SER A 230 24.17 -0.28 -2.56
CA SER A 230 23.20 -1.30 -2.90
C SER A 230 23.83 -2.47 -3.66
N ALA A 231 23.11 -3.58 -3.65
CA ALA A 231 23.51 -4.83 -4.26
C ALA A 231 22.23 -5.64 -4.37
N PRO A 232 22.20 -6.68 -5.22
CA PRO A 232 20.95 -7.42 -5.47
C PRO A 232 20.22 -7.81 -4.19
N LYS A 233 20.95 -8.10 -3.11
CA LYS A 233 20.31 -8.59 -1.89
C LYS A 233 20.56 -7.71 -0.68
N VAL A 234 21.15 -6.53 -0.90
CA VAL A 234 21.44 -5.66 0.24
C VAL A 234 21.20 -4.21 -0.15
N VAL A 235 20.59 -3.43 0.74
CA VAL A 235 20.50 -1.99 0.50
C VAL A 235 20.81 -1.21 1.77
N ILE A 236 21.75 -0.29 1.66
CA ILE A 236 22.20 0.51 2.79
C ILE A 236 21.83 1.98 2.59
N SER A 237 21.13 2.53 3.57
CA SER A 237 20.69 3.93 3.52
C SER A 237 20.96 4.64 4.84
N GLU A 238 20.89 5.96 4.83
CA GLU A 238 21.04 6.73 6.07
C GLU A 238 19.89 6.40 7.00
N TRP A 239 20.21 6.24 8.28
CA TRP A 239 19.21 5.89 9.27
C TRP A 239 18.23 7.03 9.48
N MET A 240 16.95 6.71 9.59
CA MET A 240 15.94 7.74 9.80
C MET A 240 15.16 7.47 11.07
N GLU A 241 15.08 8.48 11.93
CA GLU A 241 14.45 8.34 13.24
C GLU A 241 13.06 8.97 13.25
N GLY A 242 12.06 8.21 13.71
CA GLY A 242 10.70 8.71 13.78
C GLY A 242 9.73 7.72 14.38
N ILE A 243 8.47 8.12 14.50
CA ILE A 243 7.41 7.26 15.01
C ILE A 243 6.83 6.42 13.88
N PRO A 244 6.89 5.09 14.00
CA PRO A 244 6.31 4.26 12.94
C PRO A 244 4.82 4.53 12.78
N MET A 245 4.34 4.53 11.54
CA MET A 245 2.92 4.75 11.30
C MET A 245 2.06 3.70 11.99
N SER A 246 2.54 2.47 12.09
CA SER A 246 1.78 1.42 12.77
C SER A 246 1.44 1.82 14.22
N VAL A 247 2.42 2.47 14.85
CA VAL A 247 2.26 2.99 16.19
C VAL A 247 1.18 4.10 16.20
N ILE A 248 1.20 4.98 15.20
CA ILE A 248 0.19 6.04 15.10
C ILE A 248 -1.22 5.47 14.89
N ILE A 249 -1.32 4.43 14.07
CA ILE A 249 -2.57 3.73 13.83
C ILE A 249 -3.11 3.18 15.14
N ARG A 250 -2.22 2.69 16.00
CA ARG A 250 -2.70 2.15 17.29
C ARG A 250 -2.97 3.20 18.38
N GLU A 251 -2.07 4.17 18.53
CA GLU A 251 -1.99 5.02 19.70
C GLU A 251 -1.87 6.51 19.40
N GLY A 252 -1.93 6.89 18.13
CA GLY A 252 -1.67 8.26 17.76
C GLY A 252 -2.70 9.25 18.27
N THR A 253 -2.27 10.48 18.53
CA THR A 253 -3.22 11.55 18.82
C THR A 253 -4.01 11.84 17.54
N PRO A 254 -5.18 12.50 17.67
CA PRO A 254 -5.93 12.90 16.47
C PRO A 254 -5.09 13.71 15.47
N GLU A 255 -4.24 14.61 15.97
CA GLU A 255 -3.39 15.42 15.11
C GLU A 255 -2.37 14.58 14.34
N GLN A 256 -1.78 13.59 15.02
CA GLN A 256 -0.82 12.71 14.36
C GLN A 256 -1.50 11.88 13.28
N ARG A 257 -2.68 11.37 13.59
CA ARG A 257 -3.42 10.53 12.65
C ARG A 257 -3.80 11.32 11.41
N ASP A 258 -4.38 12.50 11.63
CA ASP A 258 -4.78 13.37 10.53
C ASP A 258 -3.58 13.75 9.68
N LEU A 259 -2.47 14.10 10.34
CA LEU A 259 -1.27 14.50 9.60
C LEU A 259 -0.75 13.36 8.74
N MET A 260 -0.66 12.16 9.30
CA MET A 260 -0.12 11.04 8.53
C MET A 260 -1.03 10.67 7.35
N GLY A 261 -2.34 10.66 7.58
CA GLY A 261 -3.27 10.42 6.49
C GLY A 261 -3.16 11.46 5.38
N THR A 262 -3.01 12.72 5.79
CA THR A 262 -2.87 13.82 4.85
C THR A 262 -1.58 13.70 4.02
N ARG A 263 -0.48 13.39 4.69
CA ARG A 263 0.79 13.15 3.98
C ARG A 263 0.66 12.00 2.99
N LEU A 264 0.07 10.89 3.42
CA LEU A 264 -0.04 9.74 2.51
C LEU A 264 -0.90 10.10 1.29
N THR A 265 -1.97 10.85 1.52
CA THR A 265 -2.82 11.29 0.41
C THR A 265 -2.03 12.18 -0.57
N GLU A 266 -1.29 13.15 -0.03
CA GLU A 266 -0.48 14.02 -0.90
C GLU A 266 0.60 13.23 -1.65
N LEU A 267 1.19 12.21 -1.00
CA LEU A 267 2.17 11.35 -1.67
C LEU A 267 1.54 10.62 -2.85
N THR A 268 0.36 10.08 -2.59
CA THR A 268 -0.38 9.30 -3.59
C THR A 268 -0.81 10.14 -4.79
N PHE A 269 -1.39 11.32 -4.54
CA PHE A 269 -1.82 12.17 -5.65
C PHE A 269 -0.66 12.90 -6.33
N GLY A 270 0.42 13.11 -5.58
CA GLY A 270 1.49 13.98 -6.04
C GLY A 270 2.67 13.31 -6.71
N ALA A 271 3.02 12.10 -6.29
CA ALA A 271 4.18 11.43 -6.88
C ALA A 271 4.10 11.32 -8.42
N PRO A 272 2.92 10.98 -8.97
CA PRO A 272 2.86 10.90 -10.43
C PRO A 272 3.25 12.20 -11.13
N ALA A 273 2.80 13.33 -10.58
CA ALA A 273 3.11 14.63 -11.19
C ALA A 273 4.57 15.01 -10.99
N ARG A 274 5.14 14.59 -9.87
CA ARG A 274 6.48 15.04 -9.54
C ARG A 274 7.58 14.19 -10.18
N LEU A 275 7.32 12.89 -10.40
CA LEU A 275 8.34 12.06 -11.03
C LEU A 275 7.80 10.85 -11.80
N GLU A 276 6.52 10.88 -12.16
CA GLU A 276 5.90 9.85 -12.98
C GLU A 276 6.06 8.44 -12.41
N MET A 277 6.00 8.35 -11.08
CA MET A 277 5.91 7.08 -10.39
C MET A 277 4.87 7.17 -9.29
N MET A 278 4.43 6.02 -8.81
CA MET A 278 3.67 5.98 -7.57
C MET A 278 4.49 5.22 -6.55
N HIS A 279 4.45 5.64 -5.29
CA HIS A 279 5.14 4.90 -4.24
C HIS A 279 4.64 3.46 -4.21
N GLY A 280 3.37 3.26 -4.53
CA GLY A 280 2.85 1.93 -4.81
C GLY A 280 2.01 1.31 -3.70
N ASP A 281 1.72 0.02 -3.85
CA ASP A 281 1.08 -0.76 -2.79
C ASP A 281 1.84 -0.60 -1.49
N ALA A 282 1.20 0.02 -0.51
CA ALA A 282 1.90 0.41 0.71
C ALA A 282 1.45 -0.37 1.94
N HIS A 283 2.32 -0.34 2.94
CA HIS A 283 2.06 -0.92 4.24
C HIS A 283 2.49 0.16 5.23
N PRO A 284 1.81 0.27 6.39
CA PRO A 284 2.17 1.26 7.39
C PRO A 284 3.65 1.19 7.82
N GLY A 285 4.25 0.02 7.72
CA GLY A 285 5.67 -0.14 7.99
C GLY A 285 6.56 0.71 7.09
N ASN A 286 6.04 1.10 5.92
CA ASN A 286 6.81 1.92 4.98
C ASN A 286 7.01 3.36 5.46
N PHE A 287 6.28 3.76 6.49
CA PHE A 287 6.16 5.18 6.80
C PHE A 287 6.44 5.51 8.25
N MET A 288 6.91 6.72 8.50
CA MET A 288 7.11 7.16 9.88
C MET A 288 6.84 8.65 10.04
N LEU A 289 6.54 9.09 11.25
CA LEU A 289 6.32 10.50 11.52
C LEU A 289 7.58 11.09 12.15
N LEU A 290 8.20 12.04 11.46
CA LEU A 290 9.42 12.70 11.96
C LEU A 290 9.07 13.82 12.93
N PRO A 291 10.01 14.16 13.84
CA PRO A 291 9.77 15.24 14.81
C PRO A 291 9.43 16.58 14.14
N ASP A 292 9.91 16.82 12.93
CA ASP A 292 9.70 18.11 12.27
C ASP A 292 8.39 18.16 11.47
N GLY A 293 7.55 17.14 11.66
CA GLY A 293 6.27 17.14 11.00
C GLY A 293 6.27 16.56 9.59
N ARG A 294 7.42 16.06 9.14
CA ARG A 294 7.47 15.41 7.83
C ARG A 294 7.16 13.92 7.93
N MET A 295 6.60 13.34 6.87
CA MET A 295 6.48 11.88 6.82
C MET A 295 7.71 11.31 6.17
N GLY A 296 8.37 10.39 6.86
CA GLY A 296 9.51 9.69 6.32
C GLY A 296 9.01 8.49 5.56
N VAL A 297 9.57 8.29 4.37
CA VAL A 297 9.21 7.15 3.53
C VAL A 297 10.46 6.30 3.41
N ILE A 298 10.44 5.10 3.99
CA ILE A 298 11.68 4.35 4.16
C ILE A 298 11.75 3.04 3.37
N ASP A 299 10.68 2.70 2.65
CA ASP A 299 10.65 1.45 1.90
C ASP A 299 10.06 1.70 0.53
N PHE A 300 10.75 1.24 -0.52
CA PHE A 300 10.34 1.53 -1.89
C PHE A 300 10.21 0.27 -2.74
N GLY A 301 9.96 -0.86 -2.08
CA GLY A 301 9.88 -2.14 -2.77
C GLY A 301 8.70 -2.33 -3.70
N ALA A 302 7.72 -1.41 -3.65
CA ALA A 302 6.52 -1.58 -4.47
C ALA A 302 6.25 -0.39 -5.40
N VAL A 303 7.28 0.41 -5.67
CA VAL A 303 7.13 1.57 -6.54
C VAL A 303 6.68 1.13 -7.94
N ALA A 304 5.69 1.81 -8.48
CA ALA A 304 5.18 1.50 -9.81
C ALA A 304 5.43 2.66 -10.77
N PRO A 305 6.02 2.37 -11.94
CA PRO A 305 6.15 3.41 -12.96
C PRO A 305 4.78 3.88 -13.42
N LEU A 306 4.64 5.18 -13.65
CA LEU A 306 3.41 5.71 -14.22
C LEU A 306 3.77 6.77 -15.24
N PRO A 307 4.23 6.32 -16.43
CA PRO A 307 4.62 7.26 -17.47
C PRO A 307 3.43 8.12 -17.90
N GLY A 308 3.59 9.45 -17.84
CA GLY A 308 2.54 10.36 -18.21
C GLY A 308 1.71 10.85 -17.04
N GLY A 309 1.94 10.27 -15.86
CA GLY A 309 1.18 10.65 -14.68
C GLY A 309 -0.24 10.12 -14.72
N PHE A 310 -1.09 10.65 -13.84
CA PHE A 310 -2.52 10.36 -13.89
C PHE A 310 -3.10 10.79 -15.23
N PRO A 311 -3.86 9.92 -15.89
CA PRO A 311 -4.62 10.41 -17.03
C PRO A 311 -5.67 11.43 -16.56
N THR A 312 -5.97 12.42 -17.38
CA THR A 312 -6.94 13.46 -17.02
C THR A 312 -8.33 12.88 -16.77
N SER A 313 -8.60 11.73 -17.40
CA SER A 313 -9.90 11.09 -17.32
C SER A 313 -10.29 10.67 -15.90
N LEU A 314 -9.30 10.45 -15.04
CA LEU A 314 -9.58 10.03 -13.66
C LEU A 314 -10.21 11.17 -12.85
N GLY A 315 -9.50 12.29 -12.80
CA GLY A 315 -9.99 13.50 -12.15
C GLY A 315 -11.29 13.99 -12.77
N GLU A 316 -11.35 13.96 -14.10
CA GLU A 316 -12.59 14.33 -14.79
C GLU A 316 -13.75 13.45 -14.34
N THR A 317 -13.50 12.15 -14.32
CA THR A 317 -14.54 11.18 -13.96
C THR A 317 -15.09 11.48 -12.57
N ILE A 318 -14.19 11.75 -11.63
CA ILE A 318 -14.65 12.02 -10.27
C ILE A 318 -15.42 13.34 -10.16
N ARG A 319 -14.93 14.39 -10.80
CA ARG A 319 -15.63 15.69 -10.80
C ARG A 319 -17.03 15.59 -11.42
N LEU A 320 -17.12 14.95 -12.59
CA LEU A 320 -18.41 14.80 -13.27
C LEU A 320 -19.35 13.94 -12.45
N ALA A 321 -18.82 12.92 -11.80
CA ALA A 321 -19.63 12.06 -10.94
C ALA A 321 -20.20 12.86 -9.77
N ARG A 322 -19.37 13.70 -9.17
CA ARG A 322 -19.82 14.56 -8.08
C ARG A 322 -20.89 15.54 -8.55
N ASP A 323 -20.73 16.06 -9.76
CA ASP A 323 -21.69 17.00 -10.33
C ASP A 323 -22.97 16.31 -10.80
N LYS A 324 -22.97 14.98 -10.81
CA LYS A 324 -24.07 14.18 -11.35
C LYS A 324 -24.35 14.55 -12.81
N ASN A 325 -23.28 14.87 -13.53
CA ASN A 325 -23.37 15.19 -14.95
C ASN A 325 -23.21 13.91 -15.76
N TYR A 326 -24.25 13.09 -15.78
CA TYR A 326 -24.16 11.75 -16.35
C TYR A 326 -24.02 11.76 -17.88
N ASP A 327 -24.59 12.78 -18.50
CA ASP A 327 -24.47 13.01 -19.95
C ASP A 327 -23.02 13.01 -20.42
N GLU A 328 -22.14 13.62 -19.64
CA GLU A 328 -20.72 13.63 -19.96
C GLU A 328 -19.99 12.47 -19.27
N LEU A 329 -20.46 12.12 -18.06
CA LEU A 329 -19.79 11.09 -17.26
C LEU A 329 -19.69 9.75 -17.96
N LEU A 330 -20.82 9.25 -18.47
CA LEU A 330 -20.78 7.89 -19.03
C LEU A 330 -19.88 7.78 -20.29
N PRO A 331 -19.96 8.75 -21.23
CA PRO A 331 -19.02 8.68 -22.36
C PRO A 331 -17.55 8.83 -21.95
N THR A 332 -17.28 9.68 -20.96
CA THR A 332 -15.93 9.84 -20.45
C THR A 332 -15.39 8.51 -19.92
N MET A 333 -16.20 7.84 -19.12
CA MET A 333 -15.82 6.57 -18.52
C MET A 333 -15.66 5.48 -19.55
N GLU A 334 -16.52 5.48 -20.58
CA GLU A 334 -16.41 4.47 -21.61
C GLU A 334 -15.13 4.69 -22.43
N ARG A 335 -14.85 5.94 -22.76
CA ARG A 335 -13.64 6.25 -23.52
C ARG A 335 -12.38 5.90 -22.73
N ALA A 336 -12.41 6.15 -21.43
CA ALA A 336 -11.25 5.90 -20.58
C ALA A 336 -11.07 4.41 -20.25
N GLY A 337 -12.16 3.65 -20.27
CA GLY A 337 -12.08 2.24 -19.93
C GLY A 337 -12.64 1.89 -18.57
N PHE A 338 -13.11 2.89 -17.84
CA PHE A 338 -13.78 2.67 -16.54
C PHE A 338 -15.05 1.85 -16.70
N LEU A 339 -15.68 2.01 -17.87
CA LEU A 339 -16.84 1.22 -18.23
C LEU A 339 -16.46 0.40 -19.44
N GLN A 340 -16.83 -0.88 -19.42
CA GLN A 340 -16.57 -1.75 -20.55
C GLN A 340 -17.46 -1.36 -21.72
N LYS A 341 -16.88 -1.28 -22.91
CA LYS A 341 -17.64 -0.83 -24.07
C LYS A 341 -18.64 -1.89 -24.53
N GLY A 342 -19.87 -1.47 -24.78
CA GLY A 342 -20.92 -2.36 -25.25
C GLY A 342 -21.77 -2.94 -24.13
N GLN A 343 -21.38 -2.69 -22.88
CA GLN A 343 -22.12 -3.22 -21.74
C GLN A 343 -23.05 -2.18 -21.14
N GLU A 344 -24.35 -2.46 -21.22
CA GLU A 344 -25.37 -1.57 -20.68
C GLU A 344 -25.30 -1.50 -19.16
N VAL A 345 -25.20 -0.27 -18.65
CA VAL A 345 -25.12 -0.01 -17.22
C VAL A 345 -26.12 1.12 -16.90
N SER A 346 -26.69 1.12 -15.69
CA SER A 346 -27.63 2.15 -15.30
C SER A 346 -26.91 3.28 -14.56
N ILE A 347 -27.54 4.45 -14.52
CA ILE A 347 -26.96 5.58 -13.81
C ILE A 347 -26.79 5.24 -12.33
N GLU A 348 -27.73 4.47 -11.78
CA GLU A 348 -27.65 4.08 -10.37
C GLU A 348 -26.44 3.18 -10.10
N GLU A 349 -26.18 2.24 -11.02
CA GLU A 349 -25.00 1.39 -10.92
C GLU A 349 -23.70 2.21 -10.96
N VAL A 350 -23.67 3.22 -11.84
CA VAL A 350 -22.49 4.07 -11.96
C VAL A 350 -22.26 4.89 -10.68
N GLU A 351 -23.33 5.48 -10.16
CA GLU A 351 -23.27 6.22 -8.90
C GLU A 351 -22.73 5.34 -7.79
N ASP A 352 -23.19 4.10 -7.72
CA ASP A 352 -22.72 3.17 -6.74
C ASP A 352 -21.23 2.86 -6.86
N MET A 353 -20.78 2.63 -8.08
CA MET A 353 -19.41 2.30 -8.31
C MET A 353 -18.45 3.46 -8.04
N LEU A 354 -18.93 4.69 -8.20
CA LEU A 354 -18.09 5.84 -7.95
C LEU A 354 -18.19 6.44 -6.55
N ARG A 355 -19.17 6.00 -5.77
CA ARG A 355 -19.40 6.57 -4.43
C ARG A 355 -18.16 6.60 -3.52
N GLN A 356 -17.35 5.53 -3.56
CA GLN A 356 -16.17 5.45 -2.71
C GLN A 356 -15.10 6.48 -3.08
N TYR A 357 -15.16 6.98 -4.32
CA TYR A 357 -14.19 7.95 -4.79
C TYR A 357 -14.76 9.36 -4.63
N VAL A 358 -16.08 9.46 -4.66
CA VAL A 358 -16.73 10.77 -4.64
C VAL A 358 -16.94 11.29 -3.21
N ASP A 359 -17.40 10.41 -2.32
CA ASP A 359 -17.63 10.78 -0.92
C ASP A 359 -16.49 11.61 -0.31
N PRO A 360 -15.22 11.17 -0.46
CA PRO A 360 -14.19 11.95 0.24
C PRO A 360 -13.97 13.36 -0.31
N ILE A 361 -14.41 13.67 -1.52
CA ILE A 361 -14.16 15.03 -2.04
C ILE A 361 -15.41 15.89 -2.11
N LYS A 362 -16.49 15.40 -1.55
CA LYS A 362 -17.73 16.14 -1.37
C LYS A 362 -17.65 17.23 -0.28
N VAL A 363 -16.75 17.02 0.65
CA VAL A 363 -16.59 17.90 1.82
C VAL A 363 -15.16 18.44 1.85
N ASP A 364 -14.96 19.52 2.61
CA ASP A 364 -13.64 20.13 2.70
C ASP A 364 -12.65 19.23 3.40
N VAL A 365 -13.11 18.54 4.44
CA VAL A 365 -12.27 17.62 5.20
C VAL A 365 -13.03 16.32 5.43
N PHE A 366 -12.54 15.23 4.84
CA PHE A 366 -13.22 13.94 4.97
C PHE A 366 -12.65 13.11 6.10
N HIS A 367 -13.52 12.50 6.88
CA HIS A 367 -13.05 11.63 7.96
C HIS A 367 -12.97 10.18 7.48
N TYR A 368 -11.78 9.78 7.06
CA TYR A 368 -11.56 8.37 6.75
C TYR A 368 -11.63 7.58 8.05
N ASN A 369 -12.43 6.51 8.05
CA ASN A 369 -12.55 5.69 9.24
C ASN A 369 -12.99 4.27 8.87
N ARG A 370 -12.79 3.34 9.81
CA ARG A 370 -13.08 1.93 9.56
C ARG A 370 -14.55 1.66 9.26
N LYS A 371 -15.44 2.42 9.88
CA LYS A 371 -16.87 2.17 9.69
C LYS A 371 -17.27 2.49 8.26
N TRP A 372 -16.79 3.63 7.76
CA TRP A 372 -17.06 4.01 6.38
C TRP A 372 -16.51 2.98 5.40
N LEU A 373 -15.28 2.53 5.64
CA LEU A 373 -14.67 1.55 4.75
C LEU A 373 -15.40 0.20 4.80
N GLN A 374 -15.77 -0.23 6.00
CA GLN A 374 -16.50 -1.49 6.17
C GLN A 374 -17.86 -1.41 5.50
N LYS A 375 -18.44 -0.20 5.48
CA LYS A 375 -19.71 0.00 4.80
C LYS A 375 -19.51 -0.11 3.29
N MET A 376 -18.44 0.52 2.79
CA MET A 376 -18.12 0.43 1.36
C MET A 376 -17.89 -1.03 0.92
N ALA A 377 -17.20 -1.80 1.76
CA ALA A 377 -16.82 -3.17 1.42
C ALA A 377 -17.95 -4.19 1.55
N ALA A 378 -18.97 -3.85 2.35
CA ALA A 378 -20.04 -4.80 2.63
C ALA A 378 -20.89 -5.08 1.39
N SER A 379 -21.66 -6.17 1.43
CA SER A 379 -22.53 -6.52 0.31
C SER A 379 -23.70 -5.54 0.21
N GLN A 380 -24.52 -5.69 -0.82
CA GLN A 380 -25.66 -4.81 -1.02
C GLN A 380 -26.81 -5.15 -0.05
N MET A 381 -27.65 -4.19 0.29
CA MET A 381 -28.76 -4.40 1.21
C MET A 381 -29.80 -5.37 0.70
N ASP A 382 -30.02 -5.21 -0.58
CA ASP A 382 -31.09 -5.82 -1.29
C ASP A 382 -30.53 -5.91 -2.71
N ASN A 383 -31.36 -6.34 -3.63
CA ASN A 383 -30.94 -6.53 -5.00
C ASN A 383 -31.22 -5.34 -5.91
N SER A 384 -31.54 -4.19 -5.36
CA SER A 384 -31.92 -3.03 -6.18
C SER A 384 -30.86 -2.53 -7.17
N VAL A 385 -29.59 -2.52 -6.77
CA VAL A 385 -28.53 -2.09 -7.66
C VAL A 385 -27.37 -3.09 -7.76
N ALA A 386 -27.04 -3.49 -8.98
CA ALA A 386 -25.93 -4.40 -9.19
C ALA A 386 -24.60 -3.75 -8.85
N GLN A 387 -23.69 -4.53 -8.28
CA GLN A 387 -22.40 -4.00 -7.84
C GLN A 387 -21.31 -4.28 -8.88
N ILE A 388 -20.95 -3.24 -9.63
CA ILE A 388 -19.87 -3.34 -10.62
C ILE A 388 -18.64 -2.58 -10.13
N LYS A 389 -17.50 -3.25 -10.12
CA LYS A 389 -16.26 -2.64 -9.65
C LYS A 389 -15.46 -2.13 -10.83
N MET A 390 -15.28 -0.82 -10.92
CA MET A 390 -14.66 -0.24 -12.11
C MET A 390 -13.14 -0.39 -12.10
N ALA A 391 -12.59 -0.68 -10.94
CA ALA A 391 -11.22 -1.05 -10.81
C ALA A 391 -10.99 -2.35 -11.51
N ARG A 392 -12.02 -3.16 -11.60
CA ARG A 392 -11.97 -4.42 -12.29
C ARG A 392 -12.54 -4.43 -13.70
N SER A 393 -12.77 -3.27 -14.28
CA SER A 393 -13.29 -3.22 -15.62
C SER A 393 -12.35 -3.90 -16.62
N LEU A 394 -12.93 -4.66 -17.54
CA LEU A 394 -12.17 -5.44 -18.52
C LEU A 394 -11.45 -4.58 -19.54
N ASP A 395 -11.87 -3.33 -19.68
CA ASP A 395 -11.23 -2.42 -20.63
C ASP A 395 -10.34 -1.40 -19.93
N LEU A 396 -10.11 -1.60 -18.64
CA LEU A 396 -9.28 -0.67 -17.87
C LEU A 396 -7.81 -0.84 -18.22
N PRO A 397 -7.19 0.24 -18.74
CA PRO A 397 -5.75 0.26 -19.04
C PRO A 397 -4.90 0.29 -17.77
N ALA A 398 -3.64 -0.09 -17.89
CA ALA A 398 -2.75 -0.19 -16.72
C ALA A 398 -2.55 1.15 -16.03
N ASN A 399 -2.50 2.23 -16.80
CA ASN A 399 -2.25 3.54 -16.21
C ASN A 399 -3.49 4.10 -15.54
N LEU A 400 -4.54 3.30 -15.49
CA LEU A 400 -5.67 3.60 -14.62
C LEU A 400 -5.77 2.55 -13.52
N ALA A 401 -5.44 1.30 -13.86
CA ALA A 401 -5.46 0.20 -12.91
C ALA A 401 -4.52 0.44 -11.73
N ILE A 402 -3.29 0.86 -12.02
CA ILE A 402 -2.30 1.11 -10.96
C ILE A 402 -2.74 2.25 -10.04
N PRO A 403 -3.13 3.42 -10.61
CA PRO A 403 -3.68 4.45 -9.71
C PRO A 403 -4.82 3.95 -8.81
N LEU A 404 -5.78 3.20 -9.34
CA LEU A 404 -6.90 2.73 -8.54
C LEU A 404 -6.43 1.83 -7.40
N ARG A 405 -5.50 0.92 -7.71
CA ARG A 405 -4.93 0.01 -6.71
C ARG A 405 -4.22 0.76 -5.58
N VAL A 406 -3.37 1.72 -5.95
CA VAL A 406 -2.61 2.49 -4.96
C VAL A 406 -3.51 3.42 -4.14
N ILE A 407 -4.48 4.03 -4.81
CA ILE A 407 -5.51 4.80 -4.12
C ILE A 407 -6.19 3.94 -3.07
N ALA A 408 -6.60 2.73 -3.44
CA ALA A 408 -7.29 1.87 -2.48
C ALA A 408 -6.38 1.54 -1.29
N SER A 409 -5.10 1.30 -1.58
CA SER A 409 -4.13 1.06 -0.50
C SER A 409 -4.06 2.24 0.49
N THR A 410 -3.94 3.43 -0.08
CA THR A 410 -3.89 4.67 0.68
C THR A 410 -5.15 4.89 1.52
N VAL A 411 -6.30 4.66 0.90
CA VAL A 411 -7.59 4.83 1.56
C VAL A 411 -7.71 3.88 2.74
N ALA A 412 -7.28 2.63 2.53
CA ALA A 412 -7.34 1.64 3.61
C ALA A 412 -6.51 2.13 4.78
N ILE A 413 -5.31 2.63 4.48
CA ILE A 413 -4.43 3.08 5.55
C ILE A 413 -5.01 4.32 6.26
N CYS A 414 -5.61 5.25 5.52
CA CYS A 414 -6.22 6.42 6.12
C CYS A 414 -7.38 6.04 7.04
N CYS A 415 -8.11 5.00 6.65
CA CYS A 415 -9.22 4.53 7.47
C CYS A 415 -8.69 3.87 8.74
N GLN A 416 -7.60 3.11 8.63
CA GLN A 416 -6.97 2.52 9.81
C GLN A 416 -6.50 3.62 10.77
N LEU A 417 -5.99 4.72 10.19
CA LEU A 417 -5.53 5.86 10.97
C LEU A 417 -6.65 6.67 11.60
N ASP A 418 -7.87 6.48 11.11
CA ASP A 418 -9.00 7.33 11.52
C ASP A 418 -8.69 8.80 11.19
N ALA A 419 -8.04 9.01 10.05
CA ALA A 419 -7.52 10.34 9.67
C ALA A 419 -8.55 11.27 9.05
N HIS A 420 -8.58 12.52 9.51
CA HIS A 420 -9.29 13.59 8.81
C HIS A 420 -8.37 14.23 7.77
N VAL A 421 -8.76 14.14 6.50
CA VAL A 421 -7.90 14.60 5.39
C VAL A 421 -8.65 15.58 4.50
N PRO A 422 -7.99 16.69 4.12
CA PRO A 422 -8.57 17.60 3.13
C PRO A 422 -8.32 17.07 1.72
N VAL A 423 -8.97 15.95 1.39
CA VAL A 423 -8.81 15.31 0.09
C VAL A 423 -9.16 16.28 -1.04
N LYS A 424 -10.23 17.05 -0.87
CA LYS A 424 -10.72 17.95 -1.92
C LYS A 424 -9.64 18.92 -2.44
N VAL A 425 -9.02 19.68 -1.54
CA VAL A 425 -8.03 20.67 -1.96
C VAL A 425 -6.77 20.00 -2.52
N ILE A 426 -6.42 18.83 -1.97
CA ILE A 426 -5.24 18.13 -2.46
C ILE A 426 -5.47 17.61 -3.89
N ALA A 427 -6.64 17.04 -4.13
CA ALA A 427 -7.02 16.58 -5.46
C ALA A 427 -7.14 17.74 -6.45
N THR A 428 -7.65 18.87 -5.97
CA THR A 428 -7.76 20.07 -6.80
C THR A 428 -6.38 20.51 -7.26
N GLU A 429 -5.42 20.52 -6.34
CA GLU A 429 -4.06 20.96 -6.68
C GLU A 429 -3.32 19.95 -7.57
N LEU A 430 -3.52 18.65 -7.31
CA LEU A 430 -2.61 17.65 -7.87
C LEU A 430 -3.20 16.66 -8.89
N VAL A 431 -4.51 16.41 -8.85
CA VAL A 431 -5.07 15.40 -9.72
C VAL A 431 -5.61 16.03 -11.00
N PRO A 432 -4.96 15.74 -12.14
CA PRO A 432 -5.32 16.33 -13.43
C PRO A 432 -6.79 16.15 -13.74
N GLY A 433 -7.44 17.22 -14.18
CA GLY A 433 -8.82 17.15 -14.61
C GLY A 433 -9.85 17.26 -13.49
N PHE A 434 -9.42 17.18 -12.23
CA PHE A 434 -10.40 17.26 -11.15
C PHE A 434 -10.87 18.68 -10.87
N ALA A 435 -9.96 19.65 -10.95
CA ALA A 435 -10.30 21.05 -10.68
C ALA A 435 -11.37 21.54 -11.64
N GLU A 436 -12.23 22.43 -11.15
CA GLU A 436 -13.28 23.02 -11.98
C GLU A 436 -12.71 23.71 -13.22
N GLU A 437 -13.45 23.67 -14.31
CA GLU A 437 -13.04 24.33 -15.54
C GLU A 437 -13.91 25.54 -15.83
#